data_1D2N
#
_entry.id   1D2N
#
_cell.length_a   116.330
_cell.length_b   116.330
_cell.length_c   40.240
_cell.angle_alpha   90.00
_cell.angle_beta   90.00
_cell.angle_gamma   120.00
#
_symmetry.space_group_name_H-M   'P 6'
#
loop_
_entity.id
_entity.type
_entity.pdbx_description
1 polymer 'N-ETHYLMALEIMIDE-SENSITIVE FUSION PROTEIN'
2 non-polymer 'MAGNESIUM ION'
3 non-polymer 'PHOSPHOAMINOPHOSPHONIC ACID-ADENYLATE ESTER'
4 non-polymer GLYCEROL
5 water water
#
_entity_poly.entity_id   1
_entity_poly.type   'polypeptide(L)'
_entity_poly.pdbx_seq_one_letter_code
;MRGSHHHHHHGSTMDIKPAFGTNQEDYASYIMNGIIKWGDPVTRVLDDGELLVQQTKNSDRTPLVSVLLEGPPHSGKTAL
AAKIAEESNFPFIKICSPDKMIGFSETAKCQAMKKIFDDAYKSQLSCVVVDDIERLLDYVPIGPRFSNLVLQALLVLLKK
APPQGRKLLIIGTTSRKDVLQEMEMLNAFSTTIHVPNIATGEQLLEALELLGNFKDKERTTIAQQVKGKKVWIGIKKLLM
LIEMSLQMDPEYRVRKFLALLREEGASPLDFK
;
_entity_poly.pdbx_strand_id   A
#
# COMPACT_ATOMS: atom_id res chain seq x y z
N GLU A 25 13.31 -4.82 11.73
CA GLU A 25 12.18 -5.11 10.80
C GLU A 25 12.72 -5.43 9.41
N ASP A 26 12.18 -6.46 8.79
CA ASP A 26 12.60 -6.88 7.46
C ASP A 26 11.77 -6.21 6.37
N TYR A 27 12.35 -5.24 5.69
CA TYR A 27 11.64 -4.53 4.63
C TYR A 27 11.70 -5.31 3.32
N ALA A 28 12.80 -6.02 3.11
CA ALA A 28 12.98 -6.80 1.89
C ALA A 28 11.75 -7.67 1.67
N SER A 29 11.16 -8.11 2.78
CA SER A 29 9.97 -8.94 2.73
C SER A 29 8.78 -8.17 2.19
N TYR A 30 8.69 -6.88 2.53
CA TYR A 30 7.58 -6.05 2.07
C TYR A 30 7.89 -5.23 0.82
N ILE A 31 9.14 -5.23 0.38
CA ILE A 31 9.52 -4.50 -0.83
C ILE A 31 10.36 -5.46 -1.67
N MET A 32 9.73 -6.59 -2.02
CA MET A 32 10.39 -7.64 -2.79
C MET A 32 10.92 -7.26 -4.16
N ASN A 33 10.29 -6.29 -4.82
CA ASN A 33 10.75 -5.89 -6.14
C ASN A 33 11.00 -4.39 -6.27
N GLY A 34 11.59 -3.82 -5.21
CA GLY A 34 11.94 -2.41 -5.18
C GLY A 34 10.81 -1.41 -5.28
N ILE A 35 11.18 -0.14 -5.47
CA ILE A 35 10.23 0.95 -5.61
C ILE A 35 10.65 1.72 -6.87
N ILE A 36 10.13 1.33 -8.03
CA ILE A 36 10.51 1.99 -9.27
C ILE A 36 9.69 3.26 -9.50
N LYS A 37 10.35 4.29 -10.02
CA LYS A 37 9.69 5.57 -10.27
C LYS A 37 8.99 5.55 -11.63
N TRP A 38 7.89 4.79 -11.73
CA TRP A 38 7.17 4.70 -12.99
C TRP A 38 6.40 5.97 -13.36
N GLY A 39 6.14 6.82 -12.38
CA GLY A 39 5.42 8.04 -12.65
C GLY A 39 5.47 9.01 -11.48
N ASP A 40 4.92 10.22 -11.68
CA ASP A 40 4.93 11.23 -10.63
C ASP A 40 4.20 10.82 -9.35
N PRO A 41 3.15 9.98 -9.46
CA PRO A 41 2.44 9.56 -8.25
C PRO A 41 3.35 8.91 -7.23
N VAL A 42 4.34 8.15 -7.70
CA VAL A 42 5.27 7.47 -6.80
C VAL A 42 6.03 8.50 -5.96
N THR A 43 6.51 9.55 -6.61
CA THR A 43 7.25 10.61 -5.92
C THR A 43 6.34 11.35 -4.95
N ARG A 44 5.10 11.58 -5.37
CA ARG A 44 4.12 12.27 -4.53
C ARG A 44 3.88 11.50 -3.24
N VAL A 45 3.64 10.20 -3.38
CA VAL A 45 3.39 9.35 -2.21
C VAL A 45 4.56 9.42 -1.23
N LEU A 46 5.77 9.24 -1.74
CA LEU A 46 6.97 9.29 -0.90
C LEU A 46 7.21 10.66 -0.28
N ASP A 47 7.01 11.72 -1.05
CA ASP A 47 7.21 13.07 -0.52
C ASP A 47 6.19 13.41 0.56
N ASP A 48 4.92 13.06 0.34
CA ASP A 48 3.91 13.35 1.34
C ASP A 48 4.15 12.50 2.58
N GLY A 49 4.72 11.31 2.37
CA GLY A 49 5.03 10.45 3.48
C GLY A 49 6.10 11.07 4.35
N GLU A 50 7.12 11.63 3.71
CA GLU A 50 8.21 12.26 4.44
C GLU A 50 7.75 13.50 5.21
N LEU A 51 6.79 14.22 4.65
CA LEU A 51 6.26 15.41 5.33
C LEU A 51 5.58 15.01 6.63
N LEU A 52 4.87 13.87 6.59
CA LEU A 52 4.18 13.38 7.77
C LEU A 52 5.20 12.89 8.79
N VAL A 53 6.28 12.28 8.30
CA VAL A 53 7.33 11.80 9.19
C VAL A 53 7.96 13.01 9.90
N GLN A 54 8.23 14.06 9.12
CA GLN A 54 8.82 15.28 9.67
C GLN A 54 7.90 15.92 10.71
N GLN A 55 6.61 15.97 10.41
CA GLN A 55 5.63 16.55 11.33
C GLN A 55 5.60 15.76 12.64
N THR A 56 5.58 14.44 12.51
CA THR A 56 5.54 13.57 13.69
C THR A 56 6.77 13.82 14.55
N LYS A 57 7.92 13.95 13.91
CA LYS A 57 9.16 14.16 14.62
C LYS A 57 9.33 15.53 15.26
N ASN A 58 8.88 16.58 14.59
CA ASN A 58 9.07 17.94 15.12
C ASN A 58 7.90 18.64 15.80
N SER A 59 6.69 18.13 15.65
CA SER A 59 5.54 18.78 16.26
C SER A 59 5.27 18.40 17.71
N ASP A 60 4.94 19.39 18.52
CA ASP A 60 4.60 19.15 19.92
C ASP A 60 3.08 19.11 19.99
N ARG A 61 2.43 19.84 19.09
CA ARG A 61 0.98 19.91 19.02
C ARG A 61 0.34 18.59 18.58
N THR A 62 0.96 17.91 17.61
CA THR A 62 0.43 16.65 17.11
C THR A 62 1.46 15.52 17.21
N PRO A 63 1.70 15.01 18.42
CA PRO A 63 2.65 13.93 18.67
C PRO A 63 2.18 12.64 18.00
N LEU A 64 0.89 12.57 17.69
CA LEU A 64 0.30 11.41 17.04
C LEU A 64 -0.21 11.80 15.65
N VAL A 65 0.37 11.19 14.62
CA VAL A 65 -0.03 11.46 13.26
C VAL A 65 -0.36 10.13 12.60
N SER A 66 -1.47 10.08 11.86
CA SER A 66 -1.82 8.84 11.17
C SER A 66 -2.17 9.11 9.73
N VAL A 67 -1.81 8.17 8.85
CA VAL A 67 -2.09 8.33 7.44
C VAL A 67 -2.49 7.01 6.83
N LEU A 68 -3.49 7.05 5.97
CA LEU A 68 -4.00 5.86 5.29
C LEU A 68 -3.61 5.87 3.83
N LEU A 69 -2.77 4.92 3.43
CA LEU A 69 -2.40 4.80 2.01
C LEU A 69 -3.50 3.93 1.44
N GLU A 70 -4.21 4.45 0.44
CA GLU A 70 -5.28 3.68 -0.16
C GLU A 70 -5.29 3.77 -1.67
N GLY A 71 -5.78 2.71 -2.30
CA GLY A 71 -5.85 2.67 -3.75
C GLY A 71 -6.41 1.35 -4.23
N PRO A 72 -6.39 1.11 -5.54
CA PRO A 72 -6.91 -0.14 -6.09
C PRO A 72 -6.03 -1.31 -5.64
N PRO A 73 -6.55 -2.54 -5.74
CA PRO A 73 -5.77 -3.71 -5.34
C PRO A 73 -4.50 -3.74 -6.20
N HIS A 74 -3.40 -4.20 -5.62
CA HIS A 74 -2.14 -4.34 -6.36
C HIS A 74 -1.45 -3.06 -6.79
N SER A 75 -1.90 -1.90 -6.31
CA SER A 75 -1.28 -0.64 -6.72
C SER A 75 0.08 -0.36 -6.08
N GLY A 76 0.45 -1.13 -5.06
CA GLY A 76 1.74 -0.95 -4.41
C GLY A 76 1.71 -0.27 -3.05
N LYS A 77 0.57 -0.35 -2.38
CA LYS A 77 0.39 0.29 -1.08
C LYS A 77 1.32 -0.21 0.03
N THR A 78 1.39 -1.52 0.21
CA THR A 78 2.24 -2.07 1.27
C THR A 78 3.71 -1.74 1.10
N ALA A 79 4.22 -1.89 -0.11
CA ALA A 79 5.62 -1.57 -0.37
C ALA A 79 5.91 -0.10 -0.11
N LEU A 80 5.00 0.78 -0.52
CA LEU A 80 5.23 2.20 -0.30
C LEU A 80 5.16 2.56 1.19
N ALA A 81 4.25 1.91 1.91
CA ALA A 81 4.13 2.16 3.34
C ALA A 81 5.43 1.75 4.02
N ALA A 82 5.93 0.58 3.64
CA ALA A 82 7.17 0.07 4.21
C ALA A 82 8.33 1.00 3.88
N LYS A 83 8.32 1.57 2.68
CA LYS A 83 9.36 2.48 2.24
C LYS A 83 9.34 3.78 3.04
N ILE A 84 8.14 4.33 3.26
CA ILE A 84 7.99 5.56 4.03
C ILE A 84 8.51 5.32 5.46
N ALA A 85 8.14 4.17 6.01
CA ALA A 85 8.56 3.79 7.35
C ALA A 85 10.08 3.63 7.41
N GLU A 86 10.64 2.98 6.41
CA GLU A 86 12.08 2.77 6.34
C GLU A 86 12.83 4.10 6.28
N GLU A 87 12.35 5.01 5.44
CA GLU A 87 12.98 6.30 5.28
C GLU A 87 12.86 7.23 6.50
N SER A 88 12.01 6.87 7.45
CA SER A 88 11.83 7.71 8.64
C SER A 88 13.03 7.61 9.58
N ASN A 89 13.72 6.48 9.53
CA ASN A 89 14.88 6.23 10.38
C ASN A 89 14.51 6.25 11.87
N PHE A 90 13.23 6.03 12.16
CA PHE A 90 12.76 6.01 13.54
C PHE A 90 13.36 4.83 14.30
N PRO A 91 13.68 5.04 15.58
CA PRO A 91 14.26 3.99 16.44
C PRO A 91 13.35 2.78 16.59
N PHE A 92 12.04 2.99 16.48
CA PHE A 92 11.09 1.90 16.58
C PHE A 92 10.22 1.88 15.33
N ILE A 93 10.25 0.76 14.62
CA ILE A 93 9.45 0.58 13.41
C ILE A 93 8.90 -0.84 13.44
N LYS A 94 7.59 -0.97 13.35
CA LYS A 94 6.98 -2.29 13.37
C LYS A 94 5.84 -2.36 12.39
N ILE A 95 5.76 -3.45 11.66
CA ILE A 95 4.68 -3.63 10.70
C ILE A 95 3.72 -4.70 11.21
N CYS A 96 2.46 -4.30 11.39
CA CYS A 96 1.42 -5.21 11.86
C CYS A 96 0.75 -5.79 10.62
N SER A 97 0.90 -7.10 10.43
CA SER A 97 0.36 -7.78 9.26
C SER A 97 -0.56 -8.95 9.56
N PRO A 98 -1.51 -9.24 8.66
CA PRO A 98 -2.45 -10.35 8.84
C PRO A 98 -1.73 -11.70 8.78
N ASP A 99 -0.57 -11.70 8.12
CA ASP A 99 0.24 -12.92 7.95
C ASP A 99 0.45 -13.83 9.14
N LYS A 100 0.72 -13.27 10.32
CA LYS A 100 0.92 -14.11 11.49
C LYS A 100 -0.26 -14.17 12.43
N MET A 101 -1.46 -13.91 11.90
CA MET A 101 -2.65 -13.96 12.72
C MET A 101 -3.77 -14.75 12.06
N ILE A 102 -3.39 -15.62 11.13
CA ILE A 102 -4.36 -16.46 10.43
C ILE A 102 -5.07 -17.36 11.44
N GLY A 103 -6.40 -17.39 11.38
CA GLY A 103 -7.15 -18.21 12.31
C GLY A 103 -7.35 -17.60 13.69
N PHE A 104 -6.70 -16.46 13.93
CA PHE A 104 -6.84 -15.76 15.21
C PHE A 104 -8.26 -15.28 15.46
N SER A 105 -8.70 -15.39 16.71
CA SER A 105 -10.03 -14.91 17.08
C SER A 105 -9.91 -13.40 17.18
N GLU A 106 -11.04 -12.71 17.28
CA GLU A 106 -11.02 -11.26 17.40
C GLU A 106 -10.18 -10.83 18.58
N THR A 107 -10.39 -11.47 19.71
CA THR A 107 -9.67 -11.14 20.93
C THR A 107 -8.17 -11.32 20.74
N ALA A 108 -7.77 -12.43 20.12
CA ALA A 108 -6.37 -12.69 19.89
C ALA A 108 -5.72 -11.63 19.01
N LYS A 109 -6.44 -11.15 18.00
CA LYS A 109 -5.89 -10.11 17.14
C LYS A 109 -5.73 -8.81 17.93
N CYS A 110 -6.75 -8.46 18.72
CA CYS A 110 -6.69 -7.26 19.52
C CYS A 110 -5.48 -7.30 20.45
N GLN A 111 -5.24 -8.44 21.06
CA GLN A 111 -4.10 -8.54 21.96
C GLN A 111 -2.78 -8.39 21.22
N ALA A 112 -2.69 -8.96 20.02
CA ALA A 112 -1.47 -8.84 19.22
C ALA A 112 -1.22 -7.39 18.86
N MET A 113 -2.29 -6.66 18.55
CA MET A 113 -2.19 -5.26 18.19
C MET A 113 -1.80 -4.40 19.40
N LYS A 114 -2.44 -4.64 20.54
CA LYS A 114 -2.14 -3.88 21.74
C LYS A 114 -0.67 -4.04 22.10
N LYS A 115 -0.14 -5.23 21.87
CA LYS A 115 1.27 -5.51 22.16
C LYS A 115 2.18 -4.62 21.32
N ILE A 116 1.90 -4.54 20.03
CA ILE A 116 2.69 -3.71 19.13
C ILE A 116 2.64 -2.24 19.54
N PHE A 117 1.45 -1.72 19.77
CA PHE A 117 1.35 -0.32 20.18
C PHE A 117 1.97 -0.06 21.54
N ASP A 118 1.83 -1.00 22.46
CA ASP A 118 2.40 -0.82 23.78
C ASP A 118 3.92 -0.69 23.66
N ASP A 119 4.53 -1.53 22.81
CA ASP A 119 5.97 -1.46 22.61
C ASP A 119 6.34 -0.12 21.97
N ALA A 120 5.52 0.32 21.02
CA ALA A 120 5.78 1.59 20.35
C ALA A 120 5.77 2.75 21.34
N TYR A 121 4.84 2.71 22.29
CA TYR A 121 4.70 3.77 23.29
C TYR A 121 5.94 3.91 24.16
N LYS A 122 6.77 2.87 24.21
CA LYS A 122 7.98 2.91 25.02
C LYS A 122 9.12 3.61 24.29
N SER A 123 8.91 3.91 23.02
CA SER A 123 9.93 4.60 22.21
C SER A 123 9.58 6.07 22.11
N GLN A 124 10.61 6.92 21.99
CA GLN A 124 10.38 8.35 21.87
C GLN A 124 9.86 8.74 20.51
N LEU A 125 10.21 7.94 19.50
CA LEU A 125 9.80 8.20 18.12
C LEU A 125 9.53 6.85 17.47
N SER A 126 8.27 6.59 17.14
CA SER A 126 7.92 5.30 16.55
C SER A 126 7.03 5.38 15.34
N CYS A 127 7.07 4.32 14.54
CA CYS A 127 6.22 4.22 13.34
C CYS A 127 5.65 2.81 13.32
N VAL A 128 4.34 2.73 13.23
CA VAL A 128 3.66 1.44 13.18
C VAL A 128 2.85 1.40 11.89
N VAL A 129 3.06 0.36 11.09
CA VAL A 129 2.32 0.21 9.86
C VAL A 129 1.21 -0.83 10.11
N VAL A 130 -0.03 -0.43 9.89
CA VAL A 130 -1.16 -1.34 10.07
C VAL A 130 -1.53 -1.72 8.64
N ASP A 131 -1.00 -2.85 8.18
CA ASP A 131 -1.18 -3.28 6.79
C ASP A 131 -2.42 -4.10 6.47
N ASP A 132 -3.02 -3.81 5.32
CA ASP A 132 -4.18 -4.54 4.83
C ASP A 132 -5.30 -4.55 5.87
N ILE A 133 -5.80 -3.36 6.20
CA ILE A 133 -6.84 -3.22 7.20
C ILE A 133 -8.09 -4.09 6.95
N GLU A 134 -8.53 -4.21 5.70
CA GLU A 134 -9.71 -5.03 5.45
C GLU A 134 -9.47 -6.48 5.87
N ARG A 135 -8.23 -6.96 5.76
CA ARG A 135 -7.91 -8.33 6.15
C ARG A 135 -7.76 -8.42 7.66
N LEU A 136 -7.18 -7.40 8.28
CA LEU A 136 -7.06 -7.40 9.73
C LEU A 136 -8.46 -7.43 10.36
N LEU A 137 -9.41 -6.77 9.71
CA LEU A 137 -10.79 -6.71 10.18
C LEU A 137 -11.69 -7.87 9.72
N ASP A 138 -11.09 -8.86 9.05
CA ASP A 138 -11.82 -10.01 8.55
C ASP A 138 -13.04 -9.61 7.73
N TYR A 139 -12.86 -8.58 6.90
CA TYR A 139 -13.96 -8.08 6.08
C TYR A 139 -14.31 -8.92 4.85
N VAL A 140 -15.61 -9.05 4.59
CA VAL A 140 -16.13 -9.73 3.41
C VAL A 140 -17.43 -8.96 3.08
N PRO A 141 -17.60 -8.57 1.81
CA PRO A 141 -18.79 -7.81 1.37
C PRO A 141 -20.13 -8.52 1.52
N ILE A 142 -20.11 -9.85 1.55
CA ILE A 142 -21.35 -10.62 1.70
C ILE A 142 -21.82 -10.50 3.14
N GLY A 143 -22.90 -9.75 3.34
CA GLY A 143 -23.44 -9.54 4.67
C GLY A 143 -23.63 -8.06 4.88
N PRO A 144 -22.55 -7.28 5.07
CA PRO A 144 -21.17 -7.77 5.10
C PRO A 144 -20.86 -8.39 6.47
N ARG A 145 -19.64 -8.91 6.59
CA ARG A 145 -19.19 -9.50 7.84
C ARG A 145 -17.81 -8.91 8.12
N PHE A 146 -17.48 -8.79 9.39
CA PHE A 146 -16.18 -8.29 9.79
C PHE A 146 -16.04 -8.41 11.30
N SER A 147 -14.82 -8.24 11.79
CA SER A 147 -14.56 -8.35 13.22
C SER A 147 -14.68 -6.98 13.85
N ASN A 148 -15.83 -6.70 14.44
CA ASN A 148 -16.07 -5.41 15.05
C ASN A 148 -15.15 -5.11 16.22
N LEU A 149 -14.82 -6.13 17.01
CA LEU A 149 -13.92 -5.92 18.15
C LEU A 149 -12.58 -5.38 17.66
N VAL A 150 -12.12 -5.89 16.52
CA VAL A 150 -10.85 -5.44 15.95
C VAL A 150 -11.00 -4.03 15.38
N LEU A 151 -12.14 -3.75 14.76
CA LEU A 151 -12.39 -2.42 14.23
C LEU A 151 -12.36 -1.41 15.38
N GLN A 152 -13.04 -1.75 16.47
CA GLN A 152 -13.10 -0.86 17.62
C GLN A 152 -11.70 -0.64 18.21
N ALA A 153 -10.88 -1.69 18.23
CA ALA A 153 -9.54 -1.57 18.78
C ALA A 153 -8.75 -0.56 17.93
N LEU A 154 -8.88 -0.66 16.62
CA LEU A 154 -8.18 0.25 15.72
C LEU A 154 -8.67 1.69 15.86
N LEU A 155 -9.98 1.87 15.98
CA LEU A 155 -10.52 3.21 16.13
C LEU A 155 -9.95 3.90 17.37
N VAL A 156 -9.75 3.15 18.44
CA VAL A 156 -9.19 3.70 19.66
C VAL A 156 -7.68 3.94 19.52
N LEU A 157 -6.97 2.96 18.97
CA LEU A 157 -5.53 3.09 18.80
C LEU A 157 -5.13 4.22 17.86
N LEU A 158 -5.95 4.47 16.85
CA LEU A 158 -5.68 5.54 15.89
C LEU A 158 -5.76 6.93 16.49
N LYS A 159 -6.47 7.03 17.62
CA LYS A 159 -6.66 8.32 18.29
C LYS A 159 -5.90 8.44 19.59
N LYS A 160 -5.21 7.38 20.01
CA LYS A 160 -4.51 7.42 21.28
C LYS A 160 -3.09 7.94 21.20
N ALA A 161 -2.86 9.10 21.83
CA ALA A 161 -1.55 9.71 21.83
C ALA A 161 -0.61 8.91 22.73
N PRO A 162 0.67 8.80 22.32
CA PRO A 162 1.67 8.06 23.10
C PRO A 162 1.90 8.83 24.40
N PRO A 163 2.67 8.25 25.34
CA PRO A 163 2.91 8.98 26.58
C PRO A 163 3.42 10.39 26.25
N GLN A 164 3.07 11.36 27.09
CA GLN A 164 3.45 12.76 26.87
C GLN A 164 4.90 12.91 26.42
N GLY A 165 5.09 13.62 25.30
CA GLY A 165 6.42 13.85 24.78
C GLY A 165 6.90 12.84 23.75
N ARG A 166 6.28 11.67 23.71
CA ARG A 166 6.68 10.65 22.75
C ARG A 166 5.86 10.77 21.49
N LYS A 167 6.45 10.36 20.37
CA LYS A 167 5.77 10.50 19.09
C LYS A 167 5.54 9.21 18.34
N LEU A 168 4.44 9.19 17.61
CA LEU A 168 4.05 8.01 16.84
C LEU A 168 3.38 8.35 15.52
N LEU A 169 3.85 7.70 14.46
CA LEU A 169 3.28 7.86 13.13
C LEU A 169 2.68 6.51 12.78
N ILE A 170 1.38 6.49 12.50
CA ILE A 170 0.70 5.26 12.13
C ILE A 170 0.41 5.32 10.64
N ILE A 171 0.82 4.29 9.91
CA ILE A 171 0.58 4.23 8.47
C ILE A 171 -0.29 3.02 8.18
N GLY A 172 -1.51 3.24 7.72
CA GLY A 172 -2.36 2.12 7.38
C GLY A 172 -2.44 1.94 5.87
N THR A 173 -2.80 0.75 5.41
CA THR A 173 -2.96 0.53 3.97
C THR A 173 -4.26 -0.23 3.75
N THR A 174 -4.90 0.04 2.62
CA THR A 174 -6.16 -0.61 2.28
C THR A 174 -6.47 -0.45 0.80
N SER A 175 -7.26 -1.39 0.28
CA SER A 175 -7.69 -1.35 -1.11
C SER A 175 -9.19 -1.05 -1.05
N ARG A 176 -9.71 -0.82 0.16
CA ARG A 176 -11.13 -0.56 0.35
C ARG A 176 -11.47 0.71 1.14
N LYS A 177 -11.03 1.86 0.64
CA LYS A 177 -11.29 3.12 1.30
C LYS A 177 -12.78 3.31 1.58
N ASP A 178 -13.61 2.91 0.62
CA ASP A 178 -15.06 3.04 0.77
C ASP A 178 -15.58 2.35 2.02
N VAL A 179 -15.11 1.13 2.26
CA VAL A 179 -15.54 0.38 3.43
C VAL A 179 -15.09 1.06 4.72
N LEU A 180 -13.83 1.50 4.76
CA LEU A 180 -13.32 2.13 5.97
C LEU A 180 -14.08 3.42 6.26
N GLN A 181 -14.51 4.11 5.21
CA GLN A 181 -15.28 5.33 5.37
C GLN A 181 -16.60 5.00 6.06
N GLU A 182 -17.27 3.97 5.55
CA GLU A 182 -18.54 3.55 6.11
C GLU A 182 -18.40 3.09 7.56
N MET A 183 -17.21 2.61 7.92
CA MET A 183 -16.93 2.17 9.29
C MET A 183 -16.53 3.34 10.17
N GLU A 184 -16.47 4.52 9.57
CA GLU A 184 -16.08 5.75 10.25
C GLU A 184 -14.63 5.78 10.70
N MET A 185 -13.80 5.00 10.02
CA MET A 185 -12.38 4.94 10.35
C MET A 185 -11.63 6.01 9.56
N LEU A 186 -12.07 6.23 8.33
CA LEU A 186 -11.42 7.21 7.45
C LEU A 186 -11.33 8.55 8.16
N ASN A 187 -12.28 8.81 9.05
CA ASN A 187 -12.32 10.06 9.80
C ASN A 187 -11.37 10.01 10.99
N ALA A 188 -10.85 8.83 11.29
CA ALA A 188 -9.92 8.65 12.41
C ALA A 188 -8.48 8.91 11.97
N PHE A 189 -8.21 8.80 10.67
CA PHE A 189 -6.87 9.07 10.17
C PHE A 189 -6.68 10.57 10.00
N SER A 190 -5.46 11.04 10.24
CA SER A 190 -5.15 12.46 10.09
C SER A 190 -5.33 12.88 8.65
N THR A 191 -4.93 12.00 7.73
CA THR A 191 -5.06 12.27 6.31
C THR A 191 -4.95 10.96 5.55
N THR A 192 -5.11 11.01 4.23
CA THR A 192 -5.01 9.82 3.41
C THR A 192 -4.18 10.16 2.19
N ILE A 193 -3.48 9.16 1.65
CA ILE A 193 -2.67 9.35 0.47
C ILE A 193 -3.12 8.34 -0.56
N HIS A 194 -3.53 8.81 -1.73
CA HIS A 194 -3.98 7.92 -2.79
C HIS A 194 -2.79 7.28 -3.51
N VAL A 195 -2.85 5.96 -3.67
CA VAL A 195 -1.82 5.20 -4.35
C VAL A 195 -2.49 4.61 -5.59
N PRO A 196 -2.45 5.36 -6.70
CA PRO A 196 -3.08 4.94 -7.97
C PRO A 196 -2.38 3.84 -8.74
N ASN A 197 -3.13 3.19 -9.63
CA ASN A 197 -2.55 2.19 -10.51
C ASN A 197 -1.85 3.00 -11.57
N ILE A 198 -1.02 2.33 -12.36
CA ILE A 198 -0.33 2.97 -13.48
C ILE A 198 -1.53 3.36 -14.35
N ALA A 199 -1.59 4.61 -14.80
CA ALA A 199 -2.75 5.05 -15.56
C ALA A 199 -2.57 5.54 -16.99
N THR A 200 -1.33 5.63 -17.47
CA THR A 200 -1.12 6.09 -18.84
C THR A 200 -0.15 5.20 -19.59
N GLY A 201 -0.25 5.21 -20.92
CA GLY A 201 0.65 4.40 -21.72
C GLY A 201 2.10 4.76 -21.41
N GLU A 202 2.35 6.03 -21.13
CA GLU A 202 3.72 6.48 -20.84
C GLU A 202 4.22 5.92 -19.50
N GLN A 203 3.36 5.90 -18.49
CA GLN A 203 3.76 5.37 -17.19
C GLN A 203 4.00 3.87 -17.34
N LEU A 204 3.20 3.21 -18.16
CA LEU A 204 3.35 1.78 -18.38
C LEU A 204 4.71 1.48 -19.00
N LEU A 205 5.06 2.22 -20.05
CA LEU A 205 6.33 2.03 -20.71
C LEU A 205 7.50 2.33 -19.78
N GLU A 206 7.33 3.34 -18.94
CA GLU A 206 8.38 3.71 -17.99
C GLU A 206 8.60 2.53 -17.05
N ALA A 207 7.51 1.94 -16.56
CA ALA A 207 7.62 0.79 -15.67
C ALA A 207 8.36 -0.36 -16.36
N LEU A 208 7.94 -0.70 -17.58
CA LEU A 208 8.58 -1.78 -18.33
C LEU A 208 10.08 -1.54 -18.51
N GLU A 209 10.43 -0.31 -18.88
CA GLU A 209 11.83 0.05 -19.08
C GLU A 209 12.63 -0.09 -17.79
N LEU A 210 12.10 0.45 -16.69
CA LEU A 210 12.78 0.36 -15.40
C LEU A 210 12.91 -1.09 -14.93
N LEU A 211 11.92 -1.91 -15.26
CA LEU A 211 11.93 -3.31 -14.90
C LEU A 211 12.81 -4.09 -15.88
N GLY A 212 13.10 -3.44 -17.02
CA GLY A 212 13.94 -4.02 -18.07
C GLY A 212 13.61 -5.43 -18.53
N ASN A 213 12.35 -5.73 -18.79
CA ASN A 213 11.96 -7.07 -19.21
C ASN A 213 11.91 -7.41 -20.70
N PHE A 214 11.35 -6.53 -21.52
CA PHE A 214 11.25 -6.84 -22.94
C PHE A 214 12.42 -6.31 -23.76
N LYS A 215 12.57 -6.85 -24.96
CA LYS A 215 13.63 -6.42 -25.85
C LYS A 215 13.27 -5.03 -26.34
N ASP A 216 14.30 -4.22 -26.58
CA ASP A 216 14.13 -2.86 -27.06
C ASP A 216 13.04 -2.79 -28.13
N LYS A 217 13.04 -3.75 -29.05
CA LYS A 217 12.05 -3.78 -30.13
C LYS A 217 10.63 -4.07 -29.65
N GLU A 218 10.52 -4.97 -28.68
CA GLU A 218 9.21 -5.33 -28.14
C GLU A 218 8.52 -4.18 -27.43
N ARG A 219 9.31 -3.33 -26.76
CA ARG A 219 8.73 -2.18 -26.08
C ARG A 219 8.25 -1.13 -27.06
N THR A 220 8.88 -1.05 -28.22
CA THR A 220 8.46 -0.09 -29.24
C THR A 220 7.09 -0.51 -29.73
N THR A 221 6.90 -1.81 -29.91
CA THR A 221 5.62 -2.37 -30.36
C THR A 221 4.54 -2.10 -29.31
N ILE A 222 4.86 -2.38 -28.05
CA ILE A 222 3.91 -2.15 -26.97
C ILE A 222 3.54 -0.67 -26.91
N ALA A 223 4.55 0.19 -27.05
CA ALA A 223 4.32 1.62 -27.01
C ALA A 223 3.36 2.01 -28.14
N GLN A 224 3.55 1.40 -29.30
CA GLN A 224 2.71 1.67 -30.45
C GLN A 224 1.26 1.31 -30.15
N GLN A 225 1.07 0.21 -29.41
CA GLN A 225 -0.25 -0.27 -29.06
C GLN A 225 -0.91 0.43 -27.88
N VAL A 226 -0.13 1.01 -26.98
CA VAL A 226 -0.71 1.66 -25.81
C VAL A 226 -0.59 3.18 -25.74
N LYS A 227 0.45 3.76 -26.33
CA LYS A 227 0.61 5.20 -26.28
C LYS A 227 -0.65 5.95 -26.66
N GLY A 228 -0.99 6.96 -25.86
CA GLY A 228 -2.18 7.75 -26.12
C GLY A 228 -3.42 7.13 -25.50
N LYS A 229 -3.41 5.82 -25.30
CA LYS A 229 -4.54 5.11 -24.71
C LYS A 229 -4.45 5.07 -23.20
N LYS A 230 -5.59 4.92 -22.54
CA LYS A 230 -5.63 4.86 -21.09
C LYS A 230 -5.40 3.44 -20.60
N VAL A 231 -4.76 3.33 -19.45
CA VAL A 231 -4.49 2.04 -18.84
C VAL A 231 -4.83 2.15 -17.36
N TRP A 232 -4.98 1.02 -16.69
CA TRP A 232 -5.32 1.02 -15.28
C TRP A 232 -4.89 -0.32 -14.71
N ILE A 233 -3.61 -0.43 -14.36
CA ILE A 233 -3.08 -1.66 -13.82
C ILE A 233 -2.11 -1.38 -12.68
N GLY A 234 -2.25 -2.16 -11.59
CA GLY A 234 -1.39 -1.97 -10.44
C GLY A 234 -0.01 -2.52 -10.69
N ILE A 235 1.01 -1.85 -10.14
CA ILE A 235 2.39 -2.28 -10.33
C ILE A 235 2.59 -3.75 -9.97
N LYS A 236 1.96 -4.21 -8.90
CA LYS A 236 2.13 -5.61 -8.51
C LYS A 236 1.51 -6.53 -9.56
N LYS A 237 0.36 -6.13 -10.09
CA LYS A 237 -0.32 -6.91 -11.12
C LYS A 237 0.51 -6.92 -12.40
N LEU A 238 1.13 -5.77 -12.71
CA LEU A 238 1.97 -5.67 -13.91
C LEU A 238 3.11 -6.68 -13.84
N LEU A 239 3.71 -6.85 -12.66
CA LEU A 239 4.80 -7.81 -12.51
C LEU A 239 4.35 -9.21 -12.90
N MET A 240 3.13 -9.57 -12.50
CA MET A 240 2.59 -10.88 -12.81
C MET A 240 2.34 -11.07 -14.31
N LEU A 241 1.74 -10.06 -14.94
CA LEU A 241 1.45 -10.17 -16.37
C LEU A 241 2.76 -10.30 -17.16
N ILE A 242 3.77 -9.57 -16.76
CA ILE A 242 5.06 -9.65 -17.44
C ILE A 242 5.58 -11.08 -17.37
N GLU A 243 5.69 -11.65 -16.17
CA GLU A 243 6.20 -13.00 -16.01
C GLU A 243 5.39 -14.04 -16.80
N MET A 244 4.09 -13.86 -16.89
CA MET A 244 3.25 -14.80 -17.63
C MET A 244 3.59 -14.71 -19.12
N SER A 245 3.78 -13.48 -19.60
CA SER A 245 4.09 -13.26 -21.00
C SER A 245 5.45 -13.82 -21.39
N LEU A 246 6.39 -13.81 -20.45
CA LEU A 246 7.74 -14.31 -20.72
C LEU A 246 7.81 -15.83 -20.84
N GLN A 247 6.74 -16.52 -20.49
CA GLN A 247 6.74 -17.98 -20.59
C GLN A 247 6.44 -18.41 -22.03
N MET A 248 6.03 -17.45 -22.85
CA MET A 248 5.69 -17.69 -24.25
C MET A 248 6.95 -17.70 -25.12
N ASP A 249 6.85 -18.25 -26.32
CA ASP A 249 7.99 -18.25 -27.23
C ASP A 249 8.25 -16.79 -27.57
N PRO A 250 9.50 -16.45 -27.91
CA PRO A 250 9.87 -15.07 -28.24
C PRO A 250 8.91 -14.34 -29.18
N GLU A 251 8.45 -15.03 -30.21
CA GLU A 251 7.54 -14.43 -31.18
C GLU A 251 6.15 -14.13 -30.63
N TYR A 252 5.80 -14.77 -29.52
CA TYR A 252 4.46 -14.57 -28.94
C TYR A 252 4.39 -13.82 -27.62
N ARG A 253 5.53 -13.40 -27.09
CA ARG A 253 5.55 -12.69 -25.81
C ARG A 253 4.77 -11.38 -25.78
N VAL A 254 4.97 -10.55 -26.81
CA VAL A 254 4.26 -9.27 -26.86
C VAL A 254 2.76 -9.48 -27.05
N ARG A 255 2.39 -10.41 -27.92
CA ARG A 255 0.98 -10.68 -28.17
C ARG A 255 0.30 -11.10 -26.87
N LYS A 256 0.97 -11.96 -26.12
CA LYS A 256 0.44 -12.47 -24.85
C LYS A 256 0.29 -11.34 -23.83
N PHE A 257 1.31 -10.50 -23.72
CA PHE A 257 1.29 -9.39 -22.79
C PHE A 257 0.12 -8.46 -23.05
N LEU A 258 -0.05 -8.06 -24.31
CA LEU A 258 -1.13 -7.16 -24.68
C LEU A 258 -2.50 -7.80 -24.45
N ALA A 259 -2.61 -9.10 -24.66
CA ALA A 259 -3.88 -9.79 -24.45
C ALA A 259 -4.23 -9.79 -22.96
N LEU A 260 -3.23 -10.05 -22.13
CA LEU A 260 -3.43 -10.06 -20.68
C LEU A 260 -3.78 -8.67 -20.17
N LEU A 261 -3.14 -7.66 -20.71
CA LEU A 261 -3.37 -6.27 -20.31
C LEU A 261 -4.80 -5.89 -20.66
N ARG A 262 -5.27 -6.43 -21.78
CA ARG A 262 -6.62 -6.18 -22.28
C ARG A 262 -7.67 -6.75 -21.32
N GLU A 263 -7.33 -7.84 -20.64
CA GLU A 263 -8.24 -8.47 -19.70
C GLU A 263 -8.18 -7.87 -18.30
N GLU A 264 -7.06 -7.23 -17.98
CA GLU A 264 -6.86 -6.60 -16.68
C GLU A 264 -7.13 -5.09 -16.73
N GLY A 265 -8.13 -4.70 -17.52
CA GLY A 265 -8.46 -3.29 -17.63
C GLY A 265 -9.64 -2.88 -16.76
N ALA A 266 -9.93 -1.58 -16.74
CA ALA A 266 -11.03 -1.05 -15.95
C ALA A 266 -12.32 -1.07 -16.76
N SER A 267 -13.41 -1.51 -16.13
CA SER A 267 -14.71 -1.60 -16.79
C SER A 267 -15.27 -0.23 -17.18
N PRO A 268 -15.44 0.01 -18.50
CA PRO A 268 -15.97 1.27 -19.04
C PRO A 268 -17.38 1.58 -18.52
N LEU A 269 -18.09 0.56 -18.07
CA LEU A 269 -19.46 0.74 -17.56
C LEU A 269 -19.54 0.53 -16.06
N ASP A 270 -18.47 0.02 -15.48
CA ASP A 270 -18.40 -0.28 -14.04
C ASP A 270 -19.30 -1.46 -13.71
#